data_5JF8
#
_entry.id   5JF8
#
_cell.length_a   41.470
_cell.length_b   65.760
_cell.length_c   88.640
_cell.angle_alpha   90.00
_cell.angle_beta   90.00
_cell.angle_gamma   90.00
#
_symmetry.space_group_name_H-M   'P 21 21 21'
#
loop_
_entity.id
_entity.type
_entity.pdbx_description
1 polymer 'Peptide deformylase'
2 non-polymer 'tert-butyl {(2S)-1-[formyl(hydroxy)amino]-3-phenylpropan-2-yl}carbamate'
3 non-polymer 'ACETATE ION'
4 non-polymer IMIDAZOLE
5 non-polymer 'ZINC ION'
6 water water
#
_entity_poly.entity_id   1
_entity_poly.type   'polypeptide(L)'
_entity_poly.pdbx_seq_one_letter_code
;MAAIDKLVKASHLIDMNDIIREGNPTLRKVAEEVTFPLSEKEEILGEKMMQFLKHSQDPIMAEKLGLRGGVGLAAPQLDI
SKRIIAVLVPNVEDAQGNPPKEAYSLQEVMYNPKVVSHSVQDAALSDGEG(OCS)LSVDREVPGYVVRHARVTIEYFDKT
GEKHRLKLKGYNSIVVQHEIDHIDGIMFYDRINEKNPFAVKEGLLILE
;
_entity_poly.pdbx_strand_id   A
#
# COMPACT_ATOMS: atom_id res chain seq x y z
N ALA A 2 -16.05 9.19 -15.30
CA ALA A 2 -14.99 9.28 -14.26
C ALA A 2 -14.89 7.95 -13.49
N ALA A 3 -13.66 7.56 -13.20
CA ALA A 3 -13.37 6.32 -12.46
C ALA A 3 -14.13 6.25 -11.13
N ILE A 4 -14.20 7.37 -10.41
CA ILE A 4 -14.76 7.41 -9.07
C ILE A 4 -16.23 6.93 -9.05
N ASP A 5 -16.96 7.24 -10.11
CA ASP A 5 -18.36 6.88 -10.20
C ASP A 5 -18.55 5.38 -10.39
N LYS A 6 -17.72 4.78 -11.24
CA LYS A 6 -17.70 3.33 -11.46
C LYS A 6 -17.36 2.56 -10.18
N LEU A 7 -16.39 3.09 -9.43
CA LEU A 7 -15.83 2.40 -8.27
C LEU A 7 -16.75 2.45 -7.06
N VAL A 8 -17.51 3.55 -6.91
CA VAL A 8 -18.33 3.74 -5.70
C VAL A 8 -19.77 3.23 -5.80
N LYS A 9 -20.20 2.81 -7.00
CA LYS A 9 -21.50 2.14 -7.19
C LYS A 9 -21.64 1.00 -6.18
N ALA A 10 -22.77 1.00 -5.47
CA ALA A 10 -23.00 0.06 -4.36
C ALA A 10 -22.61 -1.41 -4.65
N SER A 11 -22.92 -1.89 -5.85
CA SER A 11 -22.70 -3.30 -6.15
C SER A 11 -21.33 -3.60 -6.76
N HIS A 12 -20.51 -2.57 -6.98
CA HIS A 12 -19.26 -2.77 -7.68
C HIS A 12 -18.17 -3.27 -6.75
N LEU A 13 -17.50 -4.34 -7.13
CA LEU A 13 -16.32 -4.80 -6.40
C LEU A 13 -15.06 -4.48 -7.20
N ILE A 14 -14.08 -3.89 -6.52
CA ILE A 14 -12.81 -3.64 -7.16
C ILE A 14 -12.15 -4.96 -7.53
N ASP A 15 -11.64 -5.03 -8.75
CA ASP A 15 -10.85 -6.15 -9.16
C ASP A 15 -9.66 -5.68 -10.01
N MET A 16 -8.90 -6.63 -10.56
CA MET A 16 -7.70 -6.31 -11.35
C MET A 16 -7.97 -5.35 -12.49
N ASN A 17 -9.18 -5.40 -13.06
CA ASN A 17 -9.51 -4.54 -14.19
C ASN A 17 -9.72 -3.06 -13.89
N ASP A 18 -9.76 -2.72 -12.59
CA ASP A 18 -9.86 -1.35 -12.13
C ASP A 18 -8.48 -0.72 -11.92
N ILE A 19 -7.44 -1.56 -11.98
CA ILE A 19 -6.06 -1.14 -11.71
C ILE A 19 -5.43 -0.59 -12.98
N ILE A 20 -4.94 0.65 -12.93
CA ILE A 20 -4.29 1.25 -14.11
C ILE A 20 -2.88 0.70 -14.29
N ARG A 21 -2.35 0.83 -15.50
CA ARG A 21 -1.08 0.24 -15.87
C ARG A 21 0.09 1.21 -15.86
N GLU A 22 1.27 0.66 -15.61
CA GLU A 22 2.54 1.37 -15.74
C GLU A 22 2.52 2.20 -17.03
N GLY A 23 2.92 3.46 -16.95
CA GLY A 23 2.82 4.29 -18.14
C GLY A 23 1.66 5.27 -18.07
N ASN A 24 0.60 4.92 -17.34
CA ASN A 24 -0.52 5.85 -17.16
C ASN A 24 -0.04 7.06 -16.34
N PRO A 25 -0.22 8.30 -16.86
CA PRO A 25 0.33 9.46 -16.13
C PRO A 25 -0.19 9.64 -14.70
N THR A 26 -1.37 9.11 -14.37
CA THR A 26 -1.89 9.29 -13.00
C THR A 26 -0.91 8.72 -11.96
N LEU A 27 -0.21 7.66 -12.32
CA LEU A 27 0.78 7.00 -11.43
C LEU A 27 1.98 7.89 -11.08
N ARG A 28 2.24 8.92 -11.90
CA ARG A 28 3.37 9.83 -11.63
C ARG A 28 2.97 11.21 -11.06
N LYS A 29 1.68 11.44 -10.82
CA LYS A 29 1.25 12.73 -10.29
C LYS A 29 1.52 12.74 -8.79
N VAL A 30 1.56 13.95 -8.22
CA VAL A 30 1.42 14.10 -6.77
C VAL A 30 -0.10 14.18 -6.50
N ALA A 31 -0.62 13.22 -5.73
CA ALA A 31 -2.07 13.12 -5.48
C ALA A 31 -2.51 14.30 -4.59
N GLU A 32 -3.77 14.69 -4.77
CA GLU A 32 -4.36 15.79 -4.06
C GLU A 32 -4.79 15.39 -2.63
N GLU A 33 -4.53 16.28 -1.67
CA GLU A 33 -4.98 16.14 -0.28
C GLU A 33 -6.49 16.05 -0.24
N VAL A 34 -7.02 15.15 0.61
CA VAL A 34 -8.49 15.15 0.83
C VAL A 34 -8.83 16.20 1.92
N THR A 35 -10.01 16.82 1.84
CA THR A 35 -10.50 17.69 2.91
C THR A 35 -11.57 17.00 3.74
N PHE A 36 -11.65 17.40 5.01
CA PHE A 36 -12.64 16.87 5.94
C PHE A 36 -13.71 17.93 6.22
N PRO A 37 -14.97 17.49 6.43
CA PRO A 37 -15.48 16.12 6.40
C PRO A 37 -15.40 15.53 4.98
N LEU A 38 -15.17 14.23 4.89
CA LEU A 38 -15.06 13.55 3.60
C LEU A 38 -16.38 13.55 2.85
N SER A 39 -16.30 13.68 1.52
CA SER A 39 -17.46 13.36 0.66
C SER A 39 -17.82 11.90 0.79
N GLU A 40 -19.07 11.57 0.43
CA GLU A 40 -19.50 10.18 0.38
C GLU A 40 -18.60 9.35 -0.54
N LYS A 41 -18.29 9.87 -1.74
CA LYS A 41 -17.42 9.17 -2.69
C LYS A 41 -16.07 8.76 -2.06
N GLU A 42 -15.46 9.69 -1.33
CA GLU A 42 -14.17 9.46 -0.68
C GLU A 42 -14.25 8.43 0.46
N GLU A 43 -15.34 8.47 1.21
CA GLU A 43 -15.57 7.50 2.25
C GLU A 43 -15.80 6.11 1.65
N ILE A 44 -16.69 6.05 0.66
CA ILE A 44 -16.97 4.79 -0.02
C ILE A 44 -15.70 4.23 -0.71
N LEU A 45 -14.92 5.08 -1.37
CA LEU A 45 -13.70 4.61 -2.02
C LEU A 45 -12.79 3.88 -1.01
N GLY A 46 -12.59 4.50 0.16
CA GLY A 46 -11.79 3.92 1.25
C GLY A 46 -12.31 2.51 1.60
N GLU A 47 -13.61 2.40 1.82
CA GLU A 47 -14.24 1.10 2.13
C GLU A 47 -14.03 0.03 1.04
N LYS A 48 -14.17 0.42 -0.23
CA LYS A 48 -13.98 -0.46 -1.37
C LYS A 48 -12.53 -0.92 -1.48
N MET A 49 -11.61 -0.03 -1.12
CA MET A 49 -10.19 -0.32 -1.14
C MET A 49 -9.86 -1.35 -0.06
N MET A 50 -10.39 -1.16 1.15
CA MET A 50 -10.16 -2.13 2.22
C MET A 50 -10.76 -3.50 1.83
N GLN A 51 -11.95 -3.46 1.24
CA GLN A 51 -12.66 -4.69 0.85
C GLN A 51 -11.84 -5.48 -0.21
N PHE A 52 -11.23 -4.74 -1.14
CA PHE A 52 -10.34 -5.31 -2.11
C PHE A 52 -9.19 -6.13 -1.47
N LEU A 53 -8.54 -5.55 -0.47
CA LEU A 53 -7.50 -6.25 0.25
C LEU A 53 -8.02 -7.46 0.99
N LYS A 54 -9.15 -7.31 1.68
CA LYS A 54 -9.82 -8.41 2.34
C LYS A 54 -10.13 -9.56 1.36
N HIS A 55 -10.72 -9.22 0.23
CA HIS A 55 -11.05 -10.20 -0.81
C HIS A 55 -9.79 -10.87 -1.35
N SER A 56 -8.75 -10.06 -1.55
CA SER A 56 -7.47 -10.52 -2.06
C SER A 56 -6.85 -11.58 -1.17
N GLN A 57 -7.12 -11.50 0.12
CA GLN A 57 -6.46 -12.34 1.11
C GLN A 57 -7.26 -13.60 1.45
N ASP A 58 -8.47 -13.69 0.91
CA ASP A 58 -9.32 -14.84 1.13
C ASP A 58 -9.22 -15.67 -0.14
N PRO A 59 -8.57 -16.85 -0.05
CA PRO A 59 -8.20 -17.65 -1.24
C PRO A 59 -9.39 -17.89 -2.19
N ILE A 60 -10.57 -18.15 -1.63
CA ILE A 60 -11.74 -18.43 -2.48
C ILE A 60 -12.34 -17.18 -3.14
N MET A 61 -12.51 -16.10 -2.38
CA MET A 61 -12.90 -14.80 -2.95
C MET A 61 -11.87 -14.33 -3.97
N ALA A 62 -10.58 -14.52 -3.67
CA ALA A 62 -9.51 -14.14 -4.61
C ALA A 62 -9.59 -14.93 -5.94
N GLU A 63 -9.85 -16.24 -5.83
CA GLU A 63 -10.09 -17.09 -7.00
C GLU A 63 -11.33 -16.63 -7.78
N LYS A 64 -12.42 -16.35 -7.06
CA LYS A 64 -13.66 -15.85 -7.67
C LYS A 64 -13.45 -14.58 -8.45
N LEU A 65 -12.68 -13.63 -7.89
CA LEU A 65 -12.49 -12.32 -8.52
C LEU A 65 -11.24 -12.25 -9.38
N GLY A 66 -10.45 -13.32 -9.41
CA GLY A 66 -9.16 -13.33 -10.14
C GLY A 66 -8.13 -12.36 -9.57
N LEU A 67 -8.01 -12.35 -8.24
CA LEU A 67 -7.05 -11.49 -7.50
C LEU A 67 -5.86 -12.25 -6.93
N ARG A 68 -4.69 -11.62 -6.95
CA ARG A 68 -3.55 -12.13 -6.18
C ARG A 68 -3.58 -11.50 -4.78
N GLY A 69 -3.06 -12.22 -3.78
CA GLY A 69 -2.95 -11.69 -2.41
C GLY A 69 -2.11 -10.42 -2.40
N GLY A 70 -2.48 -9.49 -1.54
CA GLY A 70 -1.84 -8.16 -1.45
C GLY A 70 -2.14 -7.56 -0.08
N VAL A 71 -1.32 -6.59 0.33
CA VAL A 71 -1.41 -5.99 1.65
C VAL A 71 -1.59 -4.45 1.60
N GLY A 72 -1.56 -3.90 0.39
CA GLY A 72 -1.66 -2.47 0.21
C GLY A 72 -2.25 -2.10 -1.12
N LEU A 73 -2.87 -0.90 -1.14
CA LEU A 73 -3.49 -0.32 -2.33
C LEU A 73 -3.60 1.21 -2.14
N ALA A 74 -3.27 1.96 -3.17
CA ALA A 74 -3.33 3.39 -3.14
C ALA A 74 -4.29 3.86 -4.23
N ALA A 75 -5.02 4.93 -3.93
CA ALA A 75 -6.05 5.45 -4.85
C ALA A 75 -5.54 5.74 -6.30
N PRO A 76 -4.34 6.35 -6.43
CA PRO A 76 -3.83 6.57 -7.81
C PRO A 76 -3.78 5.31 -8.70
N GLN A 77 -3.66 4.15 -8.08
CA GLN A 77 -3.64 2.87 -8.79
C GLN A 77 -5.01 2.54 -9.39
N LEU A 78 -6.06 3.21 -8.89
CA LEU A 78 -7.43 3.09 -9.41
C LEU A 78 -7.79 4.25 -10.32
N ASP A 79 -6.78 5.03 -10.69
CA ASP A 79 -6.93 6.24 -11.49
C ASP A 79 -7.55 7.42 -10.70
N ILE A 80 -7.41 7.43 -9.37
CA ILE A 80 -7.99 8.47 -8.52
C ILE A 80 -6.82 9.16 -7.83
N SER A 81 -6.58 10.41 -8.20
CA SER A 81 -5.41 11.18 -7.72
C SER A 81 -5.74 11.89 -6.40
N LYS A 82 -6.03 11.10 -5.36
CA LYS A 82 -6.24 11.60 -4.02
C LYS A 82 -5.34 10.85 -3.05
N ARG A 83 -5.04 11.48 -1.91
CA ARG A 83 -4.08 10.88 -0.96
C ARG A 83 -4.85 9.96 0.01
N ILE A 84 -5.20 8.79 -0.53
CA ILE A 84 -5.96 7.71 0.14
C ILE A 84 -5.22 6.37 -0.11
N ILE A 85 -4.84 5.72 0.97
CA ILE A 85 -4.27 4.38 0.91
C ILE A 85 -5.00 3.44 1.89
N ALA A 86 -4.96 2.16 1.58
CA ALA A 86 -5.47 1.15 2.47
C ALA A 86 -4.33 0.17 2.71
N VAL A 87 -4.21 -0.27 3.96
CA VAL A 87 -3.19 -1.26 4.33
C VAL A 87 -3.82 -2.36 5.15
N LEU A 88 -3.41 -3.59 4.86
CA LEU A 88 -3.92 -4.79 5.55
C LEU A 88 -2.85 -5.88 5.63
N VAL A 89 -2.17 -5.95 6.76
CA VAL A 89 -1.06 -6.87 6.92
C VAL A 89 -1.44 -7.94 7.97
N PRO A 90 -1.69 -9.17 7.50
CA PRO A 90 -2.09 -10.22 8.42
C PRO A 90 -0.92 -10.74 9.27
N ASN A 91 -1.23 -11.18 10.49
CA ASN A 91 -0.31 -11.99 11.29
C ASN A 91 -0.39 -13.44 10.80
N VAL A 92 0.66 -14.22 11.00
CA VAL A 92 0.63 -15.58 10.45
C VAL A 92 0.25 -16.57 11.53
N GLU A 93 -0.28 -17.71 11.11
CA GLU A 93 -0.53 -18.83 11.99
C GLU A 93 0.79 -19.36 12.55
N ASP A 94 0.74 -20.04 13.68
CA ASP A 94 1.96 -20.64 14.23
C ASP A 94 2.20 -22.02 13.59
N ALA A 95 3.27 -22.73 14.02
CA ALA A 95 3.61 -24.02 13.43
C ALA A 95 2.58 -25.09 13.69
N GLN A 96 1.77 -24.92 14.73
CA GLN A 96 0.71 -25.88 15.08
C GLN A 96 -0.61 -25.57 14.37
N GLY A 97 -0.59 -24.52 13.56
CA GLY A 97 -1.79 -24.05 12.83
C GLY A 97 -2.76 -23.15 13.60
N ASN A 98 -2.35 -22.63 14.76
CA ASN A 98 -3.23 -21.78 15.55
C ASN A 98 -3.28 -20.38 14.94
N PRO A 99 -4.49 -19.83 14.78
CA PRO A 99 -4.58 -18.43 14.32
C PRO A 99 -3.84 -17.50 15.33
N PRO A 100 -3.34 -16.33 14.85
CA PRO A 100 -2.71 -15.36 15.78
C PRO A 100 -3.73 -14.71 16.71
N LYS A 101 -3.29 -14.14 17.83
CA LYS A 101 -4.19 -13.43 18.77
C LYS A 101 -4.84 -12.24 18.08
N GLU A 102 -4.07 -11.52 17.29
CA GLU A 102 -4.59 -10.46 16.42
C GLU A 102 -4.51 -10.88 14.95
N ALA A 103 -5.65 -10.79 14.27
CA ALA A 103 -5.73 -11.13 12.87
C ALA A 103 -4.73 -10.33 12.01
N TYR A 104 -4.52 -9.07 12.36
CA TYR A 104 -3.72 -8.15 11.55
C TYR A 104 -2.76 -7.35 12.40
N SER A 105 -1.53 -7.17 11.92
CA SER A 105 -0.56 -6.29 12.58
C SER A 105 -0.78 -4.84 12.17
N LEU A 106 -1.48 -4.65 11.05
CA LEU A 106 -1.80 -3.32 10.53
C LEU A 106 -3.07 -3.40 9.68
N GLN A 107 -4.05 -2.56 10.00
CA GLN A 107 -5.32 -2.53 9.30
C GLN A 107 -5.90 -1.12 9.38
N GLU A 108 -5.79 -0.37 8.27
CA GLU A 108 -6.24 1.04 8.23
C GLU A 108 -6.50 1.47 6.80
N VAL A 109 -7.49 2.33 6.67
CA VAL A 109 -7.61 3.22 5.51
C VAL A 109 -7.13 4.61 5.97
N MET A 110 -6.09 5.08 5.31
CA MET A 110 -5.39 6.26 5.74
C MET A 110 -5.59 7.39 4.74
N TYR A 111 -6.05 8.52 5.24
CA TYR A 111 -6.22 9.76 4.44
C TYR A 111 -5.08 10.74 4.75
N ASN A 112 -4.52 11.34 3.71
CA ASN A 112 -3.40 12.26 3.82
C ASN A 112 -2.20 11.70 4.65
N PRO A 113 -1.79 10.44 4.41
CA PRO A 113 -0.68 9.91 5.22
C PRO A 113 0.62 10.56 4.82
N LYS A 114 1.54 10.68 5.76
CA LYS A 114 2.90 11.10 5.41
C LYS A 114 3.94 10.64 6.41
N VAL A 115 5.16 10.60 5.96
CA VAL A 115 6.29 10.26 6.84
C VAL A 115 6.71 11.56 7.51
N VAL A 116 6.65 11.64 8.83
CA VAL A 116 7.05 12.86 9.56
C VAL A 116 8.45 12.74 10.15
N SER A 117 8.94 11.53 10.33
CA SER A 117 10.36 11.32 10.73
C SER A 117 10.72 9.87 10.40
N HIS A 118 12.02 9.56 10.37
CA HIS A 118 12.49 8.22 10.01
C HIS A 118 13.88 7.98 10.57
N SER A 119 14.26 6.72 10.58
CA SER A 119 15.58 6.28 11.01
C SER A 119 16.63 6.63 9.97
N VAL A 120 17.87 6.81 10.45
CA VAL A 120 19.00 6.92 9.54
C VAL A 120 19.18 5.59 8.78
N GLN A 121 19.00 4.45 9.48
CA GLN A 121 19.16 3.13 8.87
C GLN A 121 18.13 2.86 7.78
N ASP A 122 18.61 2.18 6.73
CA ASP A 122 17.80 1.72 5.60
C ASP A 122 17.46 0.23 5.74
N ALA A 123 16.41 -0.19 5.04
CA ALA A 123 15.95 -1.57 5.03
C ALA A 123 15.42 -1.90 3.65
N ALA A 124 15.36 -3.19 3.34
CA ALA A 124 14.78 -3.65 2.07
C ALA A 124 14.32 -5.09 2.26
N LEU A 125 13.21 -5.41 1.60
CA LEU A 125 12.73 -6.77 1.56
C LEU A 125 13.70 -7.69 0.79
N SER A 126 14.05 -8.85 1.35
CA SER A 126 14.97 -9.77 0.67
C SER A 126 14.46 -10.14 -0.73
N ASP A 127 13.16 -10.41 -0.83
CA ASP A 127 12.59 -10.88 -2.10
C ASP A 127 12.22 -9.74 -3.05
N GLY A 128 12.57 -8.49 -2.71
CA GLY A 128 12.22 -7.36 -3.57
C GLY A 128 10.76 -6.97 -3.41
N GLU A 129 10.25 -6.18 -4.36
CA GLU A 129 8.86 -5.74 -4.28
C GLU A 129 8.18 -5.99 -5.62
N GLY A 130 6.84 -6.03 -5.60
CA GLY A 130 6.03 -6.12 -6.81
C GLY A 130 5.05 -4.94 -6.86
N LEU A 132 0.92 -4.22 -8.55
CA LEU A 132 -0.27 -4.54 -9.37
C LEU A 132 -0.30 -3.86 -10.74
N SER A 133 0.32 -2.68 -10.83
CA SER A 133 0.37 -1.89 -12.08
C SER A 133 1.54 -2.28 -13.00
N VAL A 134 2.47 -3.08 -12.49
CA VAL A 134 3.69 -3.42 -13.25
C VAL A 134 3.72 -4.89 -13.65
N ASP A 135 3.67 -5.12 -14.95
CA ASP A 135 3.53 -6.47 -15.53
C ASP A 135 4.88 -6.94 -16.07
N ARG A 136 5.94 -6.59 -15.36
CA ARG A 136 7.32 -6.95 -15.74
C ARG A 136 7.97 -7.59 -14.53
N GLU A 137 8.98 -8.44 -14.75
CA GLU A 137 9.83 -8.90 -13.64
C GLU A 137 10.87 -7.80 -13.37
N VAL A 138 10.95 -7.36 -12.12
CA VAL A 138 11.90 -6.30 -11.75
C VAL A 138 12.67 -6.75 -10.53
N PRO A 139 13.89 -7.31 -10.75
CA PRO A 139 14.73 -7.73 -9.63
C PRO A 139 15.34 -6.60 -8.81
N GLY A 140 15.67 -6.89 -7.56
CA GLY A 140 16.54 -6.01 -6.81
C GLY A 140 15.98 -5.56 -5.47
N TYR A 141 16.86 -4.94 -4.69
CA TYR A 141 16.52 -4.40 -3.39
C TYR A 141 15.92 -3.00 -3.51
N VAL A 142 14.69 -2.89 -3.01
CA VAL A 142 13.97 -1.62 -3.01
C VAL A 142 14.38 -0.99 -1.69
N VAL A 143 15.22 0.04 -1.76
CA VAL A 143 15.84 0.55 -0.51
C VAL A 143 14.96 1.63 0.14
N ARG A 144 14.51 1.36 1.37
CA ARG A 144 13.61 2.31 2.07
C ARG A 144 14.17 2.63 3.47
N HIS A 145 13.45 3.49 4.20
CA HIS A 145 13.78 3.77 5.62
C HIS A 145 13.44 2.55 6.45
N ALA A 146 14.35 2.14 7.35
CA ALA A 146 14.05 1.03 8.27
C ALA A 146 12.80 1.29 9.13
N ARG A 147 12.77 2.44 9.76
CA ARG A 147 11.71 2.79 10.69
C ARG A 147 11.19 4.16 10.29
N VAL A 148 9.89 4.34 10.46
CA VAL A 148 9.27 5.60 10.13
C VAL A 148 8.26 5.96 11.19
N THR A 149 8.03 7.26 11.37
CA THR A 149 6.89 7.74 12.12
C THR A 149 5.96 8.35 11.10
N ILE A 150 4.71 7.91 11.12
CA ILE A 150 3.72 8.49 10.20
C ILE A 150 2.60 9.27 10.93
N GLU A 151 2.05 10.27 10.24
CA GLU A 151 0.74 10.81 10.58
C GLU A 151 -0.26 10.55 9.50
N TYR A 152 -1.49 10.34 9.91
CA TYR A 152 -2.59 10.27 8.93
C TYR A 152 -3.89 10.54 9.63
N PHE A 153 -4.95 10.63 8.84
CA PHE A 153 -6.29 10.86 9.31
C PHE A 153 -7.15 9.68 8.92
N ASP A 154 -8.05 9.29 9.81
CA ASP A 154 -9.00 8.27 9.41
C ASP A 154 -10.24 8.92 8.79
N LYS A 155 -11.16 8.08 8.33
CA LYS A 155 -12.40 8.54 7.67
C LYS A 155 -13.20 9.56 8.50
N THR A 156 -13.07 9.51 9.83
CA THR A 156 -13.80 10.44 10.72
C THR A 156 -13.13 11.82 10.79
N GLY A 157 -11.88 11.91 10.33
CA GLY A 157 -11.09 13.13 10.42
C GLY A 157 -10.18 13.18 11.64
N GLU A 158 -10.21 12.10 12.43
CA GLU A 158 -9.32 11.96 13.62
C GLU A 158 -7.87 11.76 13.17
N LYS A 159 -6.95 12.55 13.74
CA LYS A 159 -5.52 12.42 13.38
C LYS A 159 -4.86 11.28 14.18
N HIS A 160 -3.96 10.52 13.56
CA HIS A 160 -3.19 9.49 14.24
C HIS A 160 -1.71 9.68 14.00
N ARG A 161 -0.91 9.29 14.99
CA ARG A 161 0.54 9.34 14.89
C ARG A 161 1.03 7.96 15.28
N LEU A 162 1.86 7.33 14.45
CA LEU A 162 2.22 5.95 14.66
C LEU A 162 3.67 5.64 14.24
N LYS A 163 4.42 4.91 15.07
CA LYS A 163 5.77 4.45 14.73
C LYS A 163 5.67 3.04 14.13
N LEU A 164 6.40 2.83 13.05
CA LEU A 164 6.36 1.56 12.35
C LEU A 164 7.80 1.12 12.07
N LYS A 165 8.00 -0.20 12.15
CA LYS A 165 9.25 -0.82 11.82
C LYS A 165 9.02 -2.13 11.02
N GLY A 166 10.10 -2.80 10.64
CA GLY A 166 9.96 -4.07 9.92
C GLY A 166 9.12 -4.01 8.65
N TYR A 167 8.41 -5.09 8.38
CA TYR A 167 7.57 -5.19 7.19
C TYR A 167 6.48 -4.09 7.07
N ASN A 168 5.80 -3.78 8.17
CA ASN A 168 4.76 -2.74 8.13
C ASN A 168 5.29 -1.36 7.72
N SER A 169 6.52 -1.08 8.14
CA SER A 169 7.23 0.15 7.70
C SER A 169 7.38 0.21 6.15
N ILE A 170 7.87 -0.88 5.57
CA ILE A 170 8.06 -1.10 4.11
C ILE A 170 6.72 -0.90 3.39
N VAL A 171 5.66 -1.50 3.93
CA VAL A 171 4.34 -1.43 3.32
C VAL A 171 3.80 -0.02 3.21
N VAL A 172 3.80 0.71 4.33
CA VAL A 172 3.24 2.06 4.33
C VAL A 172 4.08 2.97 3.45
N GLN A 173 5.39 2.80 3.48
CA GLN A 173 6.26 3.59 2.59
C GLN A 173 5.95 3.37 1.11
N HIS A 174 5.75 2.11 0.72
CA HIS A 174 5.40 1.78 -0.64
C HIS A 174 4.09 2.47 -1.06
N GLU A 175 3.08 2.34 -0.21
CA GLU A 175 1.83 3.06 -0.49
C GLU A 175 1.95 4.58 -0.54
N ILE A 176 2.58 5.20 0.45
CA ILE A 176 2.77 6.65 0.45
C ILE A 176 3.48 7.11 -0.83
N ASP A 177 4.49 6.35 -1.26
CA ASP A 177 5.14 6.63 -2.55
C ASP A 177 4.16 6.76 -3.72
N HIS A 178 3.21 5.85 -3.83
CA HIS A 178 2.16 5.97 -4.86
C HIS A 178 1.45 7.31 -4.86
N ILE A 179 1.16 7.86 -3.68
CA ILE A 179 0.43 9.12 -3.65
C ILE A 179 1.35 10.33 -3.88
N ASP A 180 2.65 10.06 -4.00
CA ASP A 180 3.64 11.08 -4.38
C ASP A 180 4.13 10.86 -5.79
N GLY A 181 3.59 9.87 -6.49
CA GLY A 181 4.02 9.62 -7.89
C GLY A 181 5.35 8.86 -8.01
N ILE A 182 5.73 8.13 -6.97
CA ILE A 182 6.98 7.37 -6.95
C ILE A 182 6.66 5.88 -7.10
N MET A 183 7.45 5.19 -7.91
CA MET A 183 7.34 3.75 -8.16
C MET A 183 8.46 3.00 -7.47
N PHE A 184 8.21 1.74 -7.07
CA PHE A 184 9.19 0.94 -6.32
C PHE A 184 10.57 0.90 -6.96
N TYR A 185 10.62 0.72 -8.27
CA TYR A 185 11.91 0.65 -8.95
C TYR A 185 12.70 1.96 -9.01
N ASP A 186 12.06 3.08 -8.70
CA ASP A 186 12.78 4.35 -8.50
C ASP A 186 13.81 4.21 -7.37
N ARG A 187 13.60 3.22 -6.47
CA ARG A 187 14.41 3.05 -5.26
C ARG A 187 15.37 1.85 -5.35
N ILE A 188 15.49 1.26 -6.54
CA ILE A 188 16.47 0.20 -6.80
C ILE A 188 17.74 0.77 -7.42
N ASN A 189 18.89 0.34 -6.90
CA ASN A 189 20.19 0.77 -7.41
C ASN A 189 20.28 0.61 -8.92
N GLU A 190 20.78 1.63 -9.60
CA GLU A 190 20.84 1.64 -11.06
C GLU A 190 21.91 0.72 -11.66
N LYS A 191 23.08 0.64 -11.04
CA LYS A 191 24.14 -0.23 -11.61
C LYS A 191 23.99 -1.69 -11.16
N ASN A 192 23.90 -1.93 -9.85
CA ASN A 192 23.68 -3.27 -9.32
C ASN A 192 22.40 -3.36 -8.49
N PRO A 193 21.35 -3.98 -9.07
CA PRO A 193 20.08 -4.11 -8.32
C PRO A 193 20.23 -4.74 -6.93
N PHE A 194 21.23 -5.58 -6.73
CA PHE A 194 21.42 -6.25 -5.44
C PHE A 194 22.58 -5.72 -4.58
N ALA A 195 22.97 -4.47 -4.83
CA ALA A 195 24.00 -3.82 -4.02
C ALA A 195 23.55 -3.69 -2.57
N VAL A 196 24.46 -4.02 -1.66
CA VAL A 196 24.16 -3.81 -0.24
C VAL A 196 25.17 -2.81 0.34
N LYS A 197 24.68 -1.61 0.67
CA LYS A 197 25.43 -0.65 1.47
C LYS A 197 25.51 -1.18 2.89
N GLU A 198 26.69 -1.09 3.50
CA GLU A 198 26.88 -1.67 4.83
C GLU A 198 25.84 -1.10 5.78
N GLY A 199 25.17 -1.99 6.49
CA GLY A 199 24.23 -1.59 7.52
C GLY A 199 22.80 -1.64 7.01
N LEU A 200 22.60 -1.98 5.75
CA LEU A 200 21.26 -2.16 5.21
C LEU A 200 20.60 -3.36 5.88
N LEU A 201 19.42 -3.16 6.47
CA LEU A 201 18.64 -4.28 7.01
C LEU A 201 18.01 -5.07 5.87
N ILE A 202 18.43 -6.30 5.64
CA ILE A 202 17.73 -7.13 4.67
C ILE A 202 16.64 -7.88 5.42
N LEU A 203 15.37 -7.59 5.08
CA LEU A 203 14.24 -8.20 5.79
C LEU A 203 13.79 -9.54 5.18
N GLU A 204 13.77 -10.57 6.03
CA GLU A 204 13.47 -11.93 5.61
C GLU A 204 11.97 -12.11 5.54
#